data_7MF0
#
_entry.id   7MF0
#
_cell.length_a   73.827
_cell.length_b   84.958
_cell.length_c   70.031
_cell.angle_alpha   90.000
_cell.angle_beta   90.000
_cell.angle_gamma   90.000
#
_symmetry.space_group_name_H-M   'P 21 21 2'
#
loop_
_entity.id
_entity.type
_entity.pdbx_description
1 polymer 'Eukaryotic translation initiation factor 2-alpha kinase 3,Eukaryotic translation initiation factor 2-alpha kinase 3'
2 non-polymer 2-amino-N-cyclopropyl-5-(4-{[(2R)-2-(3,5-difluorophenyl)-2-hydroxyacetyl]amino}-2-methylphenyl)pyridine-3-carboxamide
#
_entity_poly.entity_id   1
_entity_poly.type   'polypeptide(L)'
_entity_poly.pdbx_seq_one_letter_code
;GSSSWNDIKNSGYISRYLTDFEPIQCLGRGGFGVVFEAKNKVDDCNYAIKRIRLPNRELAREKVMREVKALAKLEHPGIV
RYFNAWLEAPPEKWQEKLQPSSPKVYLYIQMQLCRKENLKDWMNGRCTIEERERSVCLHIFLQIAEAVEFLHSKGLMHRN
LKPSNIFFTMDDVVKVGDFGLVTAMDQDEEEQTVLTPMPAYARHTGQVGTKLYMSPEQIHGNSYSHKVDIFSLGLILFEL
LYPFSTQMERVRTLTDVRNLKFPPLFTQKYPCEYVMVQDMLSPSPMERPEAINIIENAVFEDLDFPGKTVLRQRSRS
;
_entity_poly.pdbx_strand_id   AAA
#
loop_
_chem_comp.id
_chem_comp.type
_chem_comp.name
_chem_comp.formula
Z6P non-polymer 2-amino-N-cyclopropyl-5-(4-{[(2R)-2-(3,5-difluorophenyl)-2-hydroxyacetyl]amino}-2-methylphenyl)pyridine-3-carboxamide 'C24 H22 F2 N4 O3'
#
# COMPACT_ATOMS: atom_id res chain seq x y z
N ILE A 14 29.93 12.97 -5.47
CA ILE A 14 30.60 11.63 -5.49
C ILE A 14 29.60 10.57 -4.99
N SER A 15 28.37 10.57 -5.53
CA SER A 15 27.18 9.86 -4.99
C SER A 15 27.12 8.41 -5.50
N ARG A 16 26.78 7.47 -4.61
CA ARG A 16 26.79 6.01 -4.84
C ARG A 16 25.75 5.61 -5.90
N TYR A 17 24.65 6.35 -6.03
CA TYR A 17 23.49 6.03 -6.93
C TYR A 17 23.92 6.13 -8.40
N LEU A 18 24.34 7.32 -8.84
CA LEU A 18 24.66 7.63 -10.26
C LEU A 18 25.80 6.72 -10.75
N THR A 19 26.80 6.48 -9.91
CA THR A 19 28.01 5.68 -10.25
C THR A 19 27.67 4.19 -10.39
N ASP A 20 26.65 3.71 -9.65
CA ASP A 20 26.37 2.25 -9.49
C ASP A 20 25.01 1.86 -10.11
N PHE A 21 24.17 2.83 -10.50
CA PHE A 21 22.85 2.60 -11.14
C PHE A 21 22.69 3.47 -12.40
N GLU A 22 22.13 2.88 -13.46
CA GLU A 22 21.83 3.52 -14.77
C GLU A 22 20.34 3.82 -14.84
N PRO A 23 19.91 5.07 -14.56
CA PRO A 23 18.47 5.42 -14.58
C PRO A 23 17.74 5.00 -15.85
N ILE A 24 16.44 4.73 -15.73
CA ILE A 24 15.55 4.27 -16.85
C ILE A 24 14.39 5.27 -16.98
N GLN A 25 13.69 5.55 -15.89
CA GLN A 25 12.61 6.56 -15.81
C GLN A 25 12.25 6.86 -14.35
N CYS A 26 11.59 7.99 -14.12
CA CYS A 26 10.86 8.33 -12.87
C CYS A 26 9.47 7.70 -12.94
N LEU A 27 9.03 7.04 -11.87
CA LEU A 27 7.74 6.29 -11.77
C LEU A 27 6.70 7.13 -11.04
N GLY A 28 7.12 7.99 -10.10
CA GLY A 28 6.22 8.93 -9.40
C GLY A 28 6.96 9.70 -8.31
N ARG A 29 6.23 10.57 -7.59
CA ARG A 29 6.70 11.30 -6.39
C ARG A 29 5.77 10.93 -5.21
N GLY A 30 5.89 9.69 -4.72
CA GLY A 30 5.02 9.06 -3.72
C GLY A 30 5.34 9.51 -2.30
N GLY A 31 4.38 10.18 -1.65
CA GLY A 31 4.53 10.79 -0.30
C GLY A 31 5.47 11.99 -0.33
N PHE A 32 5.53 12.69 -1.46
CA PHE A 32 6.50 13.78 -1.77
C PHE A 32 7.94 13.22 -1.68
N GLY A 33 8.13 12.00 -2.19
CA GLY A 33 9.45 11.34 -2.34
C GLY A 33 9.54 10.67 -3.70
N VAL A 34 10.66 10.86 -4.41
CA VAL A 34 10.83 10.41 -5.83
C VAL A 34 11.10 8.89 -5.85
N VAL A 35 10.50 8.18 -6.81
CA VAL A 35 10.68 6.73 -7.05
C VAL A 35 11.13 6.52 -8.50
N PHE A 36 12.33 5.97 -8.69
CA PHE A 36 12.99 5.75 -10.01
C PHE A 36 13.05 4.25 -10.34
N GLU A 37 12.66 3.88 -11.57
CA GLU A 37 13.14 2.64 -12.23
C GLU A 37 14.59 2.90 -12.65
N ALA A 38 15.54 2.09 -12.17
CA ALA A 38 16.99 2.24 -12.44
C ALA A 38 17.64 0.85 -12.46
N LYS A 39 18.59 0.63 -13.39
CA LYS A 39 19.30 -0.65 -13.57
C LYS A 39 20.63 -0.61 -12.81
N ASN A 40 20.84 -1.55 -11.87
CA ASN A 40 22.16 -1.77 -11.22
C ASN A 40 23.14 -2.25 -12.28
N LYS A 41 24.26 -1.53 -12.45
CA LYS A 41 25.23 -1.73 -13.57
C LYS A 41 25.87 -3.12 -13.44
N VAL A 42 26.03 -3.63 -12.21
CA VAL A 42 26.74 -4.90 -11.91
C VAL A 42 25.81 -6.09 -12.21
N ASP A 43 24.68 -6.20 -11.51
CA ASP A 43 23.76 -7.38 -11.59
C ASP A 43 22.82 -7.22 -12.79
N ASP A 44 22.73 -6.02 -13.37
CA ASP A 44 22.04 -5.75 -14.66
C ASP A 44 20.54 -6.01 -14.50
N CYS A 45 20.01 -5.89 -13.28
CA CYS A 45 18.57 -6.01 -12.95
C CYS A 45 18.00 -4.62 -12.70
N ASN A 46 16.75 -4.39 -13.10
CA ASN A 46 16.01 -3.13 -12.82
C ASN A 46 15.46 -3.20 -11.39
N TYR A 47 15.41 -2.04 -10.72
CA TYR A 47 14.94 -1.88 -9.33
C TYR A 47 14.11 -0.60 -9.22
N ALA A 48 13.12 -0.61 -8.32
CA ALA A 48 12.38 0.60 -7.88
C ALA A 48 13.17 1.25 -6.75
N ILE A 49 13.78 2.41 -7.03
CA ILE A 49 14.67 3.14 -6.08
C ILE A 49 13.93 4.38 -5.56
N LYS A 50 13.45 4.28 -4.32
CA LYS A 50 12.78 5.38 -3.56
C LYS A 50 13.86 6.25 -2.95
N ARG A 51 13.71 7.58 -3.02
CA ARG A 51 14.64 8.57 -2.40
C ARG A 51 13.83 9.63 -1.65
N ILE A 52 14.08 9.78 -0.34
CA ILE A 52 13.53 10.89 0.49
C ILE A 52 14.71 11.63 1.13
N ARG A 53 14.52 12.93 1.40
CA ARG A 53 15.34 13.73 2.35
C ARG A 53 14.83 13.44 3.77
N LEU A 54 15.74 13.10 4.69
CA LEU A 54 15.40 12.92 6.13
C LEU A 54 15.07 14.30 6.72
N PRO A 55 14.33 14.38 7.85
CA PRO A 55 14.25 15.62 8.60
C PRO A 55 15.66 16.02 9.06
N ASN A 56 15.88 17.29 9.41
CA ASN A 56 17.20 17.81 9.84
C ASN A 56 17.37 17.61 11.35
N ARG A 57 16.25 17.60 12.10
CA ARG A 57 16.23 17.28 13.54
C ARG A 57 16.95 15.94 13.78
N GLU A 58 18.01 15.94 14.60
CA GLU A 58 18.79 14.72 14.97
C GLU A 58 17.91 13.78 15.81
N LEU A 59 16.76 14.25 16.29
CA LEU A 59 15.76 13.46 17.06
C LEU A 59 14.83 12.72 16.10
N ALA A 60 14.30 13.40 15.09
CA ALA A 60 13.28 12.89 14.14
C ALA A 60 13.94 12.11 13.00
N ARG A 61 15.27 12.10 12.92
CA ARG A 61 16.07 11.22 12.01
C ARG A 61 16.15 9.83 12.63
N GLU A 62 16.56 9.75 13.90
CA GLU A 62 16.65 8.50 14.69
C GLU A 62 15.29 7.79 14.67
N LYS A 63 14.20 8.56 14.50
CA LYS A 63 12.82 8.04 14.26
C LYS A 63 12.80 7.25 12.94
N VAL A 64 13.14 7.91 11.84
CA VAL A 64 13.14 7.36 10.45
C VAL A 64 14.15 6.20 10.34
N MET A 65 15.32 6.35 10.97
CA MET A 65 16.42 5.35 10.93
C MET A 65 16.05 4.12 11.77
N ARG A 66 15.08 4.26 12.69
CA ARG A 66 14.54 3.13 13.49
C ARG A 66 13.61 2.29 12.59
N GLU A 67 12.82 2.94 11.74
CA GLU A 67 11.81 2.31 10.84
C GLU A 67 12.51 1.44 9.80
N VAL A 68 13.51 1.99 9.11
CA VAL A 68 14.26 1.30 8.00
C VAL A 68 14.94 0.04 8.55
N LYS A 69 15.43 0.08 9.79
CA LYS A 69 16.12 -1.07 10.45
C LYS A 69 15.11 -2.20 10.70
N ALA A 70 13.84 -1.85 10.91
CA ALA A 70 12.72 -2.77 11.22
C ALA A 70 12.16 -3.34 9.92
N LEU A 71 11.98 -2.48 8.92
CA LEU A 71 11.44 -2.87 7.59
C LEU A 71 12.41 -3.83 6.89
N ALA A 72 13.72 -3.69 7.11
CA ALA A 72 14.77 -4.52 6.47
C ALA A 72 14.66 -5.98 6.95
N LYS A 73 14.05 -6.21 8.11
CA LYS A 73 13.85 -7.57 8.69
C LYS A 73 12.65 -8.26 8.04
N LEU A 74 11.83 -7.53 7.29
CA LEU A 74 10.55 -8.05 6.72
C LEU A 74 10.85 -9.00 5.55
N GLU A 75 10.25 -10.20 5.64
CA GLU A 75 10.29 -11.30 4.64
C GLU A 75 8.90 -11.95 4.64
N HIS A 76 8.12 -11.75 3.57
CA HIS A 76 6.76 -12.32 3.42
C HIS A 76 6.32 -12.17 1.96
N PRO A 77 5.46 -13.08 1.43
CA PRO A 77 4.99 -13.01 0.05
C PRO A 77 3.97 -11.91 -0.30
N GLY A 78 3.56 -11.11 0.69
CA GLY A 78 2.72 -9.92 0.50
C GLY A 78 3.56 -8.65 0.46
N ILE A 79 4.87 -8.77 0.71
CA ILE A 79 5.77 -7.62 1.00
C ILE A 79 6.85 -7.55 -0.07
N VAL A 80 6.92 -6.42 -0.79
CA VAL A 80 7.87 -6.21 -1.92
C VAL A 80 9.28 -6.48 -1.37
N ARG A 81 10.03 -7.35 -2.07
CA ARG A 81 11.40 -7.77 -1.69
C ARG A 81 12.30 -6.54 -1.57
N TYR A 82 13.00 -6.41 -0.44
CA TYR A 82 13.99 -5.34 -0.17
C TYR A 82 15.36 -5.81 -0.65
N PHE A 83 16.22 -4.88 -1.06
CA PHE A 83 17.58 -5.19 -1.58
C PHE A 83 18.65 -4.42 -0.79
N ASN A 84 18.54 -3.08 -0.70
CA ASN A 84 19.54 -2.23 -0.01
C ASN A 84 18.91 -0.90 0.42
N ALA A 85 19.62 -0.17 1.27
CA ALA A 85 19.28 1.21 1.71
C ALA A 85 20.56 1.91 2.19
N TRP A 86 20.95 3.00 1.53
CA TRP A 86 22.17 3.78 1.83
C TRP A 86 21.83 5.27 1.94
N LEU A 87 22.76 6.07 2.48
CA LEU A 87 22.63 7.54 2.65
C LEU A 87 23.64 8.26 1.74
N GLU A 88 23.27 9.45 1.25
CA GLU A 88 24.11 10.31 0.38
C GLU A 88 23.98 11.77 0.83
N ALA A 89 25.12 12.43 1.04
CA ALA A 89 25.23 13.88 1.39
C ALA A 89 26.01 14.59 0.28
N PRO A 90 25.32 15.32 -0.63
CA PRO A 90 26.00 16.15 -1.63
C PRO A 90 26.35 17.53 -1.07
N PRO A 91 27.63 17.97 -1.13
CA PRO A 91 28.07 19.20 -0.46
C PRO A 91 27.14 20.42 -0.65
N GLU A 96 27.65 30.24 -3.85
CA GLU A 96 26.96 30.15 -5.16
C GLU A 96 25.59 30.83 -5.06
N LYS A 97 24.69 30.26 -4.25
CA LYS A 97 23.23 30.60 -4.21
C LYS A 97 23.00 31.87 -3.36
N LEU A 98 23.44 31.88 -2.10
CA LEU A 98 23.30 33.03 -1.16
C LEU A 98 24.18 32.74 0.07
N GLN A 99 23.65 32.81 1.30
CA GLN A 99 24.37 32.31 2.51
C GLN A 99 23.45 31.51 3.45
N PRO A 100 22.40 30.78 2.97
CA PRO A 100 21.87 29.65 3.71
C PRO A 100 22.44 28.31 3.21
N SER A 101 23.29 27.66 4.00
CA SER A 101 23.85 26.31 3.73
C SER A 101 22.70 25.29 3.73
N SER A 102 22.02 25.15 4.88
CA SER A 102 20.87 24.22 5.13
C SER A 102 21.23 22.79 4.72
N PRO A 103 21.63 21.91 5.67
CA PRO A 103 22.15 20.59 5.34
C PRO A 103 21.06 19.61 4.86
N LYS A 104 21.30 18.90 3.75
CA LYS A 104 20.32 17.98 3.11
C LYS A 104 20.95 16.59 2.90
N VAL A 105 20.56 15.63 3.74
CA VAL A 105 20.95 14.20 3.66
C VAL A 105 19.79 13.41 3.04
N TYR A 106 20.09 12.52 2.10
CA TYR A 106 19.13 11.71 1.32
C TYR A 106 19.19 10.25 1.77
N LEU A 107 18.03 9.61 1.96
CA LEU A 107 17.88 8.15 2.22
C LEU A 107 17.39 7.46 0.95
N TYR A 108 18.20 6.55 0.39
CA TYR A 108 17.87 5.68 -0.78
C TYR A 108 17.45 4.30 -0.27
N ILE A 109 16.34 3.76 -0.81
CA ILE A 109 15.86 2.38 -0.55
C ILE A 109 15.63 1.67 -1.89
N GLN A 110 16.43 0.64 -2.15
CA GLN A 110 16.38 -0.21 -3.37
C GLN A 110 15.42 -1.38 -3.11
N MET A 111 14.34 -1.45 -3.89
CA MET A 111 13.28 -2.50 -3.78
C MET A 111 13.16 -3.23 -5.13
N GLN A 112 12.59 -4.44 -5.11
CA GLN A 112 12.14 -5.19 -6.31
C GLN A 112 11.20 -4.27 -7.11
N LEU A 113 11.49 -4.05 -8.40
CA LEU A 113 10.59 -3.31 -9.31
C LEU A 113 9.36 -4.21 -9.56
N CYS A 114 8.18 -3.73 -9.14
CA CYS A 114 6.87 -4.33 -9.49
C CYS A 114 6.39 -3.73 -10.81
N ARG A 115 5.33 -4.29 -11.38
CA ARG A 115 4.65 -3.73 -12.58
C ARG A 115 4.37 -2.23 -12.38
N LYS A 116 4.54 -1.43 -13.44
CA LYS A 116 4.17 0.01 -13.48
C LYS A 116 2.66 0.15 -13.21
N GLU A 117 1.88 -0.86 -13.58
CA GLU A 117 0.40 -0.87 -13.38
C GLU A 117 0.09 -1.62 -12.08
N ASN A 118 -0.96 -1.14 -11.39
CA ASN A 118 -1.32 -1.52 -10.00
C ASN A 118 -2.81 -1.94 -9.97
N LEU A 119 -3.34 -2.22 -8.79
CA LEU A 119 -4.72 -2.78 -8.63
C LEU A 119 -5.75 -1.79 -9.17
N LYS A 120 -5.51 -0.48 -9.08
CA LYS A 120 -6.45 0.55 -9.61
C LYS A 120 -6.43 0.47 -11.14
N ASP A 121 -5.23 0.33 -11.73
CA ASP A 121 -5.06 0.08 -13.18
C ASP A 121 -5.82 -1.20 -13.53
N TRP A 122 -5.60 -2.28 -12.78
CA TRP A 122 -6.31 -3.57 -12.97
C TRP A 122 -7.82 -3.34 -12.91
N MET A 123 -8.27 -2.52 -11.96
CA MET A 123 -9.71 -2.24 -11.72
C MET A 123 -10.28 -1.40 -12.86
N ASN A 124 -9.50 -0.40 -13.32
CA ASN A 124 -9.89 0.57 -14.37
C ASN A 124 -10.15 -0.16 -15.70
N GLY A 125 -9.42 -1.25 -15.94
CA GLY A 125 -9.51 -2.04 -17.19
C GLY A 125 -10.49 -3.19 -17.08
N ARG A 126 -11.33 -3.21 -16.04
CA ARG A 126 -12.28 -4.32 -15.77
C ARG A 126 -13.58 -3.73 -15.17
N CYS A 127 -14.34 -2.95 -15.95
CA CYS A 127 -15.51 -2.18 -15.47
C CYS A 127 -16.82 -2.92 -15.70
N THR A 128 -16.83 -4.26 -15.73
CA THR A 128 -18.06 -5.07 -15.91
C THR A 128 -18.08 -6.23 -14.90
N ILE A 129 -19.27 -6.73 -14.58
CA ILE A 129 -19.49 -7.83 -13.60
C ILE A 129 -18.67 -9.05 -14.05
N GLU A 130 -18.83 -9.47 -15.32
CA GLU A 130 -18.22 -10.72 -15.84
C GLU A 130 -16.69 -10.62 -15.83
N GLU A 131 -16.14 -9.42 -15.64
CA GLU A 131 -14.67 -9.15 -15.58
C GLU A 131 -14.18 -9.14 -14.13
N ARG A 132 -15.08 -9.39 -13.17
CA ARG A 132 -14.77 -9.40 -11.71
C ARG A 132 -15.27 -10.71 -11.11
N GLU A 133 -14.70 -11.84 -11.57
CA GLU A 133 -15.05 -13.19 -11.09
C GLU A 133 -14.78 -13.27 -9.58
N ARG A 134 -15.84 -13.54 -8.78
CA ARG A 134 -15.78 -13.65 -7.30
C ARG A 134 -14.48 -14.37 -6.89
N SER A 135 -14.19 -15.50 -7.54
CA SER A 135 -12.99 -16.34 -7.30
C SER A 135 -11.73 -15.47 -7.31
N VAL A 136 -11.48 -14.75 -8.41
CA VAL A 136 -10.19 -14.02 -8.67
C VAL A 136 -10.06 -12.85 -7.69
N CYS A 137 -11.15 -12.08 -7.51
CA CYS A 137 -11.20 -10.91 -6.60
C CYS A 137 -10.76 -11.31 -5.19
N LEU A 138 -11.33 -12.40 -4.66
CA LEU A 138 -10.99 -12.93 -3.31
C LEU A 138 -9.50 -13.29 -3.27
N HIS A 139 -9.00 -13.96 -4.32
CA HIS A 139 -7.61 -14.43 -4.42
C HIS A 139 -6.67 -13.23 -4.27
N ILE A 140 -7.05 -12.07 -4.84
CA ILE A 140 -6.25 -10.82 -4.77
C ILE A 140 -6.32 -10.27 -3.34
N PHE A 141 -7.52 -10.30 -2.74
CA PHE A 141 -7.80 -9.74 -1.39
C PHE A 141 -7.03 -10.54 -0.33
N LEU A 142 -7.11 -11.87 -0.39
CA LEU A 142 -6.43 -12.78 0.57
C LEU A 142 -4.93 -12.46 0.63
N GLN A 143 -4.30 -12.26 -0.53
CA GLN A 143 -2.84 -11.95 -0.62
C GLN A 143 -2.55 -10.62 0.11
N ILE A 144 -3.46 -9.64 0.01
CA ILE A 144 -3.35 -8.34 0.72
C ILE A 144 -3.49 -8.60 2.22
N ALA A 145 -4.60 -9.22 2.63
CA ALA A 145 -4.96 -9.52 4.03
C ALA A 145 -3.81 -10.25 4.73
N GLU A 146 -3.24 -11.27 4.08
CA GLU A 146 -2.15 -12.10 4.64
C GLU A 146 -0.88 -11.26 4.83
N ALA A 147 -0.70 -10.19 4.05
CA ALA A 147 0.41 -9.23 4.21
C ALA A 147 0.14 -8.36 5.44
N VAL A 148 -1.08 -7.82 5.54
CA VAL A 148 -1.53 -6.92 6.64
C VAL A 148 -1.44 -7.69 7.97
N GLU A 149 -1.88 -8.96 7.96
CA GLU A 149 -1.76 -9.88 9.13
C GLU A 149 -0.29 -9.95 9.54
N PHE A 150 0.60 -10.31 8.62
CA PHE A 150 2.06 -10.44 8.87
C PHE A 150 2.59 -9.17 9.53
N LEU A 151 2.33 -8.00 8.93
CA LEU A 151 2.75 -6.68 9.45
C LEU A 151 2.28 -6.52 10.91
N HIS A 152 0.99 -6.76 11.16
CA HIS A 152 0.37 -6.61 12.50
C HIS A 152 1.09 -7.52 13.50
N SER A 153 1.51 -8.71 13.06
CA SER A 153 2.18 -9.74 13.90
C SER A 153 3.61 -9.31 14.23
N LYS A 154 4.20 -8.40 13.44
CA LYS A 154 5.56 -7.84 13.68
C LYS A 154 5.43 -6.47 14.39
N GLY A 155 4.23 -6.15 14.89
CA GLY A 155 3.93 -4.90 15.62
C GLY A 155 4.02 -3.66 14.73
N LEU A 156 3.70 -3.80 13.45
CA LEU A 156 3.69 -2.70 12.46
C LEU A 156 2.26 -2.52 11.95
N MET A 157 1.92 -1.33 11.43
CA MET A 157 0.70 -1.12 10.62
C MET A 157 1.09 -0.47 9.30
N HIS A 158 0.23 -0.55 8.28
CA HIS A 158 0.51 -0.14 6.89
C HIS A 158 0.01 1.28 6.65
N ARG A 159 -1.23 1.56 7.06
CA ARG A 159 -1.89 2.89 7.04
C ARG A 159 -1.74 3.53 5.65
N ASN A 160 -1.75 2.73 4.58
CA ASN A 160 -1.48 3.20 3.21
C ASN A 160 -2.13 2.27 2.17
N LEU A 161 -3.12 1.49 2.58
CA LEU A 161 -3.84 0.52 1.71
C LEU A 161 -4.82 1.30 0.82
N LYS A 162 -4.60 1.24 -0.49
CA LYS A 162 -5.46 1.81 -1.56
C LYS A 162 -5.03 1.15 -2.88
N PRO A 163 -5.96 0.81 -3.80
CA PRO A 163 -5.57 0.16 -5.06
C PRO A 163 -4.35 0.83 -5.71
N SER A 164 -4.31 2.17 -5.71
CA SER A 164 -3.16 3.00 -6.17
C SER A 164 -1.83 2.40 -5.69
N ASN A 165 -1.81 1.83 -4.47
CA ASN A 165 -0.59 1.40 -3.74
C ASN A 165 -0.68 -0.10 -3.41
N ILE A 166 -1.31 -0.89 -4.30
CA ILE A 166 -1.30 -2.38 -4.30
C ILE A 166 -0.70 -2.83 -5.63
N PHE A 167 0.45 -3.51 -5.61
CA PHE A 167 1.29 -3.78 -6.81
C PHE A 167 1.20 -5.25 -7.20
N PHE A 168 1.70 -5.56 -8.40
CA PHE A 168 1.92 -6.93 -8.93
C PHE A 168 3.40 -7.06 -9.29
N THR A 169 4.04 -8.16 -8.87
CA THR A 169 5.40 -8.53 -9.36
C THR A 169 5.30 -8.85 -10.85
N MET A 170 6.42 -8.89 -11.56
CA MET A 170 6.46 -9.26 -13.00
C MET A 170 5.85 -10.67 -13.15
N ASP A 171 5.58 -11.34 -12.03
CA ASP A 171 5.10 -12.75 -11.93
C ASP A 171 3.63 -12.79 -11.48
N ASP A 172 2.99 -11.63 -11.33
CA ASP A 172 1.56 -11.47 -10.93
C ASP A 172 1.30 -12.00 -9.52
N VAL A 173 2.30 -11.90 -8.63
CA VAL A 173 2.08 -12.02 -7.15
C VAL A 173 1.61 -10.65 -6.65
N VAL A 174 0.48 -10.60 -5.93
CA VAL A 174 -0.05 -9.34 -5.33
C VAL A 174 0.85 -8.94 -4.15
N LYS A 175 1.12 -7.64 -4.05
CA LYS A 175 2.01 -7.03 -3.03
C LYS A 175 1.30 -5.81 -2.43
N VAL A 176 1.49 -5.56 -1.13
CA VAL A 176 1.10 -4.25 -0.52
C VAL A 176 2.22 -3.26 -0.86
N GLY A 177 1.85 -2.06 -1.31
CA GLY A 177 2.79 -1.04 -1.83
C GLY A 177 3.50 -0.31 -0.70
N ASP A 178 3.98 0.90 -0.97
CA ASP A 178 4.92 1.64 -0.09
C ASP A 178 4.27 1.88 1.28
N PHE A 179 5.06 1.88 2.35
CA PHE A 179 4.61 2.11 3.76
C PHE A 179 5.82 2.23 4.69
N GLY A 180 5.63 2.93 5.82
CA GLY A 180 6.70 3.36 6.74
C GLY A 180 7.42 4.57 6.19
N LEU A 181 8.26 5.24 6.99
CA LEU A 181 9.04 6.44 6.57
C LEU A 181 8.07 7.59 6.25
N VAL A 182 7.18 7.91 7.19
CA VAL A 182 6.10 8.94 7.04
C VAL A 182 6.64 10.30 7.50
N THR A 210 -5.05 10.92 -1.45
CA THR A 210 -6.48 10.48 -1.31
C THR A 210 -6.72 9.85 0.06
N LYS A 211 -7.92 10.08 0.60
CA LYS A 211 -8.34 9.69 1.97
C LYS A 211 -9.68 8.96 1.90
N LEU A 212 -10.02 8.37 0.75
CA LEU A 212 -11.33 7.69 0.54
C LEU A 212 -11.28 6.31 1.19
N TYR A 213 -10.07 5.76 1.41
CA TYR A 213 -9.83 4.42 2.00
C TYR A 213 -9.49 4.55 3.49
N MET A 214 -9.03 5.73 3.92
CA MET A 214 -8.64 6.08 5.32
C MET A 214 -9.84 5.88 6.27
N SER A 215 -9.56 5.56 7.53
CA SER A 215 -10.58 5.38 8.61
C SER A 215 -10.84 6.72 9.28
N PRO A 216 -12.04 6.91 9.88
CA PRO A 216 -12.34 8.16 10.60
C PRO A 216 -11.20 8.59 11.54
N GLU A 217 -10.75 7.66 12.38
CA GLU A 217 -9.75 7.91 13.45
C GLU A 217 -8.38 8.22 12.83
N GLN A 218 -8.15 7.82 11.58
CA GLN A 218 -6.86 8.03 10.87
C GLN A 218 -6.80 9.45 10.31
N ILE A 219 -7.94 9.96 9.81
CA ILE A 219 -8.06 11.31 9.18
C ILE A 219 -7.90 12.39 10.27
N HIS A 220 -8.65 12.25 11.37
CA HIS A 220 -8.60 13.14 12.56
C HIS A 220 -8.62 12.27 13.82
N GLY A 221 -8.20 12.84 14.97
CA GLY A 221 -8.03 12.11 16.24
C GLY A 221 -6.89 11.12 16.14
N ASN A 222 -5.68 11.61 15.87
CA ASN A 222 -4.53 10.84 15.32
C ASN A 222 -3.75 10.17 16.46
N SER A 223 -4.38 9.20 17.11
CA SER A 223 -3.78 8.24 18.09
C SER A 223 -4.47 6.88 17.91
N TYR A 224 -4.50 6.41 16.66
CA TYR A 224 -5.32 5.28 16.18
C TYR A 224 -4.60 3.95 16.45
N SER A 225 -5.34 2.85 16.33
CA SER A 225 -4.81 1.46 16.44
C SER A 225 -4.35 0.96 15.06
N HIS A 226 -3.94 -0.31 14.99
CA HIS A 226 -3.54 -0.98 13.73
C HIS A 226 -4.79 -1.33 12.93
N LYS A 227 -5.98 -1.17 13.53
CA LYS A 227 -7.27 -1.57 12.91
C LYS A 227 -7.74 -0.54 11.88
N VAL A 228 -7.03 0.58 11.75
CA VAL A 228 -7.21 1.52 10.60
C VAL A 228 -7.05 0.72 9.30
N ASP A 229 -6.08 -0.19 9.27
CA ASP A 229 -5.77 -1.09 8.11
C ASP A 229 -7.02 -1.90 7.76
N ILE A 230 -7.76 -2.38 8.75
CA ILE A 230 -8.96 -3.26 8.55
C ILE A 230 -10.08 -2.47 7.88
N PHE A 231 -10.17 -1.16 8.16
CA PHE A 231 -11.13 -0.23 7.50
C PHE A 231 -10.84 -0.22 5.99
N SER A 232 -9.59 0.08 5.60
CA SER A 232 -9.12 0.14 4.20
C SER A 232 -9.45 -1.18 3.49
N LEU A 233 -9.02 -2.30 4.04
CA LEU A 233 -9.33 -3.66 3.52
C LEU A 233 -10.82 -3.74 3.19
N GLY A 234 -11.67 -3.23 4.09
CA GLY A 234 -13.14 -3.28 3.95
C GLY A 234 -13.61 -2.68 2.65
N LEU A 235 -13.22 -1.43 2.37
CA LEU A 235 -13.59 -0.70 1.14
C LEU A 235 -13.00 -1.42 -0.07
N ILE A 236 -11.76 -1.90 0.05
CA ILE A 236 -11.02 -2.55 -1.07
C ILE A 236 -11.77 -3.83 -1.48
N LEU A 237 -11.97 -4.77 -0.55
CA LEU A 237 -12.72 -6.02 -0.81
C LEU A 237 -14.02 -5.67 -1.56
N PHE A 238 -14.75 -4.68 -1.07
CA PHE A 238 -16.03 -4.23 -1.69
C PHE A 238 -15.74 -3.83 -3.15
N GLU A 239 -14.79 -2.93 -3.34
CA GLU A 239 -14.47 -2.31 -4.66
C GLU A 239 -14.12 -3.42 -5.68
N LEU A 240 -13.27 -4.38 -5.31
CA LEU A 240 -12.90 -5.54 -6.16
C LEU A 240 -14.17 -6.23 -6.67
N LEU A 241 -15.13 -6.50 -5.77
CA LEU A 241 -16.37 -7.26 -6.09
C LEU A 241 -17.34 -6.40 -6.89
N TYR A 242 -17.23 -5.07 -6.80
CA TYR A 242 -18.19 -4.08 -7.37
C TYR A 242 -17.51 -3.22 -8.43
N PRO A 243 -17.67 -3.55 -9.72
CA PRO A 243 -17.03 -2.78 -10.80
C PRO A 243 -17.71 -1.43 -10.98
N PHE A 244 -16.93 -0.39 -11.31
CA PHE A 244 -17.39 1.01 -11.47
C PHE A 244 -17.15 1.47 -12.90
N SER A 245 -18.19 2.00 -13.55
CA SER A 245 -18.18 2.52 -14.94
C SER A 245 -17.43 3.86 -14.99
N THR A 246 -17.73 4.76 -14.07
CA THR A 246 -17.34 6.20 -14.08
C THR A 246 -16.84 6.63 -12.69
N GLN A 247 -15.78 7.45 -12.66
CA GLN A 247 -15.01 7.83 -11.43
C GLN A 247 -15.91 8.57 -10.44
N MET A 248 -16.75 9.49 -10.91
CA MET A 248 -17.74 10.23 -10.10
C MET A 248 -18.64 9.23 -9.36
N GLU A 249 -19.17 8.23 -10.08
CA GLU A 249 -20.14 7.23 -9.53
C GLU A 249 -19.44 6.34 -8.49
N ARG A 250 -18.14 6.10 -8.68
CA ARG A 250 -17.30 5.32 -7.71
C ARG A 250 -17.22 6.10 -6.40
N VAL A 251 -16.65 7.32 -6.44
CA VAL A 251 -16.44 8.20 -5.25
C VAL A 251 -17.76 8.30 -4.46
N ARG A 252 -18.89 8.38 -5.16
CA ARG A 252 -20.25 8.42 -4.56
C ARG A 252 -20.52 7.10 -3.82
N THR A 253 -20.38 5.96 -4.53
CA THR A 253 -20.78 4.61 -4.05
C THR A 253 -19.82 4.11 -2.95
N LEU A 254 -18.56 4.58 -2.95
CA LEU A 254 -17.56 4.25 -1.89
C LEU A 254 -17.91 5.04 -0.64
N THR A 255 -18.22 6.33 -0.79
CA THR A 255 -18.66 7.25 0.29
C THR A 255 -19.96 6.70 0.91
N ASP A 256 -20.82 6.05 0.13
CA ASP A 256 -22.04 5.36 0.64
C ASP A 256 -21.62 4.20 1.55
N VAL A 257 -20.90 3.21 1.00
CA VAL A 257 -20.43 1.98 1.71
C VAL A 257 -19.69 2.40 2.98
N ARG A 258 -18.79 3.38 2.85
CA ARG A 258 -17.99 3.97 3.94
C ARG A 258 -18.88 4.25 5.16
N ASN A 259 -20.11 4.71 4.93
CA ASN A 259 -21.14 4.99 5.96
C ASN A 259 -22.18 3.87 5.94
N LEU A 260 -21.74 2.62 5.72
CA LEU A 260 -22.53 1.37 5.87
C LEU A 260 -23.77 1.39 4.97
N LYS A 261 -23.75 2.18 3.88
CA LYS A 261 -24.82 2.25 2.84
C LYS A 261 -24.37 1.42 1.62
N PHE A 262 -24.98 0.26 1.41
CA PHE A 262 -24.55 -0.74 0.40
C PHE A 262 -25.58 -0.85 -0.73
N PRO A 263 -25.16 -0.68 -2.00
CA PRO A 263 -26.01 -1.01 -3.15
C PRO A 263 -26.80 -2.30 -2.94
N PRO A 264 -28.15 -2.27 -3.06
CA PRO A 264 -28.97 -3.46 -2.82
C PRO A 264 -28.62 -4.69 -3.68
N LEU A 265 -28.06 -4.47 -4.87
CA LEU A 265 -27.63 -5.55 -5.81
C LEU A 265 -26.42 -6.29 -5.22
N PHE A 266 -25.45 -5.53 -4.69
CA PHE A 266 -24.18 -6.04 -4.10
C PHE A 266 -24.48 -6.98 -2.92
N THR A 267 -25.38 -6.56 -2.03
CA THR A 267 -25.80 -7.30 -0.80
C THR A 267 -26.40 -8.65 -1.23
N GLN A 268 -27.34 -8.61 -2.20
CA GLN A 268 -28.04 -9.80 -2.75
C GLN A 268 -27.02 -10.70 -3.47
N LYS A 269 -26.16 -10.11 -4.30
CA LYS A 269 -25.17 -10.82 -5.15
C LYS A 269 -24.18 -11.54 -4.23
N TYR A 270 -23.54 -10.78 -3.33
CA TYR A 270 -22.48 -11.25 -2.39
C TYR A 270 -22.95 -11.03 -0.95
N PRO A 271 -23.57 -12.04 -0.31
CA PRO A 271 -24.18 -11.84 1.01
C PRO A 271 -23.17 -12.01 2.15
N CYS A 272 -22.33 -13.05 2.10
CA CYS A 272 -21.24 -13.33 3.07
C CYS A 272 -20.28 -12.13 3.11
N GLU A 273 -19.84 -11.68 1.94
CA GLU A 273 -18.83 -10.61 1.75
C GLU A 273 -19.37 -9.30 2.32
N TYR A 274 -20.67 -9.04 2.11
CA TYR A 274 -21.44 -7.92 2.73
C TYR A 274 -21.24 -7.94 4.25
N VAL A 275 -21.61 -9.06 4.88
CA VAL A 275 -21.43 -9.33 6.34
C VAL A 275 -20.02 -8.90 6.76
N MET A 276 -18.99 -9.38 6.06
CA MET A 276 -17.56 -9.11 6.36
C MET A 276 -17.29 -7.60 6.24
N VAL A 277 -17.66 -6.98 5.13
CA VAL A 277 -17.29 -5.57 4.80
C VAL A 277 -17.93 -4.62 5.80
N GLN A 278 -19.12 -4.94 6.31
CA GLN A 278 -19.79 -4.19 7.40
C GLN A 278 -18.88 -4.19 8.63
N ASP A 279 -18.49 -5.38 9.09
CA ASP A 279 -17.62 -5.60 10.27
C ASP A 279 -16.32 -4.81 10.11
N MET A 280 -15.69 -4.92 8.93
CA MET A 280 -14.40 -4.25 8.62
C MET A 280 -14.57 -2.73 8.67
N LEU A 281 -15.75 -2.23 8.31
CA LEU A 281 -16.03 -0.77 8.26
C LEU A 281 -16.82 -0.33 9.50
N SER A 282 -16.84 -1.18 10.54
CA SER A 282 -17.43 -0.86 11.87
C SER A 282 -16.80 0.44 12.39
N PRO A 283 -17.62 1.41 12.87
CA PRO A 283 -17.10 2.71 13.25
C PRO A 283 -16.16 2.66 14.46
N SER A 284 -16.37 1.70 15.36
CA SER A 284 -15.50 1.40 16.53
C SER A 284 -14.44 0.37 16.15
N PRO A 285 -13.13 0.74 16.12
CA PRO A 285 -12.09 -0.22 15.79
C PRO A 285 -12.33 -1.58 16.48
N MET A 286 -12.61 -1.57 17.78
CA MET A 286 -12.70 -2.81 18.61
C MET A 286 -13.60 -3.86 17.96
N GLU A 287 -14.71 -3.45 17.34
CA GLU A 287 -15.73 -4.38 16.77
C GLU A 287 -15.29 -4.88 15.39
N ARG A 288 -14.27 -4.26 14.78
CA ARG A 288 -13.63 -4.71 13.51
C ARG A 288 -12.82 -5.97 13.76
N PRO A 289 -12.84 -6.96 12.85
CA PRO A 289 -12.06 -8.18 13.01
C PRO A 289 -10.55 -7.96 12.82
N GLU A 290 -9.75 -8.81 13.47
CA GLU A 290 -8.27 -8.91 13.26
C GLU A 290 -8.05 -9.64 11.94
N ALA A 291 -7.04 -9.24 11.17
CA ALA A 291 -6.75 -9.78 9.82
C ALA A 291 -6.78 -11.31 9.86
N ILE A 292 -6.23 -11.92 10.92
CA ILE A 292 -6.21 -13.39 11.14
C ILE A 292 -7.64 -13.96 11.06
N ASN A 293 -8.63 -13.25 11.62
CA ASN A 293 -10.04 -13.72 11.70
C ASN A 293 -10.70 -13.62 10.32
N ILE A 294 -10.40 -12.55 9.58
CA ILE A 294 -10.88 -12.32 8.18
C ILE A 294 -10.38 -13.47 7.30
N ILE A 295 -9.08 -13.77 7.39
CA ILE A 295 -8.38 -14.81 6.58
C ILE A 295 -9.00 -16.19 6.86
N GLU A 296 -9.27 -16.51 8.13
CA GLU A 296 -9.74 -17.86 8.56
C GLU A 296 -11.24 -18.01 8.30
N ASN A 297 -11.90 -16.99 7.73
CA ASN A 297 -13.33 -17.05 7.33
C ASN A 297 -13.53 -18.11 6.24
N ALA A 298 -14.71 -18.74 6.22
CA ALA A 298 -15.11 -19.79 5.26
C ALA A 298 -14.91 -19.30 3.82
N VAL A 299 -15.39 -18.09 3.54
CA VAL A 299 -15.38 -17.43 2.20
C VAL A 299 -14.12 -17.84 1.41
N PHE A 300 -12.97 -17.96 2.08
CA PHE A 300 -11.66 -18.33 1.47
C PHE A 300 -11.42 -19.83 1.62
N GLU A 301 -12.28 -20.64 0.99
CA GLU A 301 -12.13 -22.11 0.85
C GLU A 301 -12.29 -22.46 -0.63
N ASP A 302 -11.17 -22.44 -1.38
CA ASP A 302 -11.12 -22.51 -2.86
C ASP A 302 -9.66 -22.45 -3.34
N LEU A 303 -9.32 -23.16 -4.41
CA LEU A 303 -8.01 -23.07 -5.13
C LEU A 303 -8.07 -23.90 -6.41
C1 Z6P B . 8.03 0.16 -4.15
C2 Z6P B . 8.86 1.16 -3.43
C3 Z6P B . 9.00 1.04 -2.04
C4 Z6P B . 8.37 0.01 -1.34
C5 Z6P B . 7.60 -0.91 -2.03
C6 Z6P B . 9.57 2.29 -4.13
C7 Z6P B . 7.79 0.12 -5.62
C8 Z6P B . 8.08 -0.88 0.96
C9 Z6P B . 8.52 -0.57 2.36
C10 Z6P B . 9.69 -1.41 2.72
C12 Z6P B . 10.57 -3.61 3.24
O2 Z6P B . 5.75 2.12 -9.48
C20 Z6P B . 6.15 2.20 -8.32
N3 Z6P B . 5.96 3.26 -7.67
C21 Z6P B . 5.26 4.39 -8.26
C22 Z6P B . 4.99 5.49 -7.26
C23 Z6P B . 3.87 4.53 -7.66
C18 Z6P B . 6.88 1.06 -7.65
C19 Z6P B . 7.11 1.15 -6.27
C17 Z6P B . 7.39 -0.16 -8.35
N2 Z6P B . 7.25 -0.38 -9.68
N1 Z6P B . 8.02 -1.12 -7.64
C16 Z6P B . 8.22 -1.00 -6.33
C Z6P B . 7.43 -0.84 -3.41
N Z6P B . 8.55 -0.02 0.03
O Z6P B . 7.35 -1.86 0.79
O1 Z6P B . 8.81 0.82 2.47
C11 Z6P B . 9.50 -2.79 2.89
C15 Z6P B . 10.97 -0.88 2.91
C14 Z6P B . 12.04 -1.71 3.27
F Z6P B . 13.27 -1.22 3.46
C13 Z6P B . 11.84 -3.08 3.44
F1 Z6P B . 10.37 -4.93 3.40
#